data_7WMJ
#
_entry.id   7WMJ
#
_cell.length_a   105.742
_cell.length_b   105.742
_cell.length_c   56.764
_cell.angle_alpha   90.000
_cell.angle_beta   90.000
_cell.angle_gamma   90.000
#
_symmetry.space_group_name_H-M   'P 43 21 2'
#
loop_
_entity.id
_entity.type
_entity.pdbx_description
1 polymer 'Isoform Beta-2 of Thyroid hormone receptor beta'
2 polymer 'Nuclear receptor coactivator 2'
3 non-polymer '2-[[7-[2,6-dimethyl-4-(phenylcarbonyl)phenoxy]-1-methoxy-4-oxidanyl-isoquinolin-3-yl]carbonylamino]ethanoic acid'
4 water water
#
loop_
_entity_poly.entity_id
_entity_poly.type
_entity_poly.pdbx_seq_one_letter_code
_entity_poly.pdbx_strand_id
1 'polypeptide(L)'
;EELQKSIGHKPEPTDEEWELIKTVTEAHVATNAQGSHWKQKRKFLPEDIGQAPIVNAPEGGKVDLEAFSHFTKIITPAIT
RVVDFAKKLPMFCELPCEDQIILLKGCCMEIMSLRAAVRYDPESETLTLNGEMAVTRGQLKNGGLGVVSDAIFDLGMSLS
SFNLDDTEVALLQAVLLMSSDRPGLACVERIEKYQDSFLLAFEHYINYRKHHVTHFWPKLLMKVTDLRMIGACHASRFLH
MKVECPTELFPPLFLEVFED
;
A
2 'polypeptide(L)' ENALLRYLLDK B
#
loop_
_chem_comp.id
_chem_comp.type
_chem_comp.name
_chem_comp.formula
9IL non-polymer '2-[[7-[2,6-dimethyl-4-(phenylcarbonyl)phenoxy]-1-methoxy-4-oxidanyl-isoquinolin-3-yl]carbonylamino]ethanoic acid' 'C28 H24 N2 O7'
#
# COMPACT_ATOMS: atom_id res chain seq x y z
N LYS A 10 6.87 -28.08 -5.97
CA LYS A 10 7.26 -26.65 -6.14
C LYS A 10 7.99 -26.16 -4.90
N PRO A 11 9.03 -25.31 -5.05
CA PRO A 11 9.87 -24.92 -3.92
C PRO A 11 9.12 -24.09 -2.88
N GLU A 12 9.26 -24.49 -1.61
CA GLU A 12 8.63 -23.87 -0.41
C GLU A 12 9.66 -22.99 0.30
N PRO A 13 9.24 -22.14 1.25
CA PRO A 13 10.14 -21.15 1.84
C PRO A 13 11.30 -21.83 2.59
N THR A 14 12.51 -21.30 2.39
CA THR A 14 13.74 -21.73 3.08
C THR A 14 13.67 -21.23 4.53
N ASP A 15 14.59 -21.66 5.37
CA ASP A 15 14.62 -21.25 6.79
C ASP A 15 14.76 -19.73 6.88
N GLU A 16 15.63 -19.13 6.07
CA GLU A 16 15.85 -17.66 6.12
C GLU A 16 14.64 -16.94 5.52
N GLU A 17 13.98 -17.53 4.52
CA GLU A 17 12.76 -16.95 3.90
C GLU A 17 11.62 -16.95 4.92
N TRP A 18 11.52 -17.96 5.78
CA TRP A 18 10.50 -18.00 6.86
C TRP A 18 10.73 -16.85 7.85
N GLU A 19 12.00 -16.58 8.20
CA GLU A 19 12.37 -15.45 9.10
C GLU A 19 11.95 -14.14 8.44
N LEU A 20 12.25 -13.98 7.15
CA LEU A 20 11.89 -12.75 6.40
C LEU A 20 10.37 -12.61 6.40
N ILE A 21 9.65 -13.73 6.28
CA ILE A 21 8.16 -13.73 6.25
C ILE A 21 7.63 -13.38 7.65
N LYS A 22 8.22 -13.94 8.70
CA LYS A 22 7.84 -13.57 10.09
C LYS A 22 7.99 -12.05 10.22
N THR A 23 9.14 -11.53 9.80
CA THR A 23 9.53 -10.10 10.00
C THR A 23 8.55 -9.19 9.26
N VAL A 24 8.38 -9.40 7.95
CA VAL A 24 7.55 -8.52 7.08
C VAL A 24 6.08 -8.67 7.47
N THR A 25 5.65 -9.87 7.85
CA THR A 25 4.26 -10.11 8.28
C THR A 25 4.01 -9.32 9.57
N GLU A 26 4.92 -9.43 10.53
CA GLU A 26 4.79 -8.77 11.86
C GLU A 26 4.73 -7.26 11.64
N ALA A 27 5.59 -6.73 10.76
CA ALA A 27 5.62 -5.28 10.41
C ALA A 27 4.23 -4.86 9.98
N HIS A 28 3.65 -5.58 9.01
CA HIS A 28 2.32 -5.30 8.39
C HIS A 28 1.24 -5.29 9.48
N VAL A 29 1.15 -6.34 10.29
CA VAL A 29 0.06 -6.51 11.29
C VAL A 29 0.17 -5.39 12.35
N ALA A 30 1.38 -4.97 12.70
CA ALA A 30 1.62 -3.92 13.72
C ALA A 30 1.15 -2.56 13.20
N THR A 31 1.13 -2.33 11.88
CA THR A 31 0.87 -0.99 11.26
C THR A 31 -0.41 -1.00 10.41
N ASN A 32 -1.29 -1.99 10.61
CA ASN A 32 -2.56 -2.12 9.85
C ASN A 32 -3.72 -1.72 10.76
N ALA A 33 -4.48 -0.70 10.39
CA ALA A 33 -5.59 -0.14 11.21
C ALA A 33 -6.47 -1.28 11.71
N GLN A 34 -6.87 -1.22 12.98
CA GLN A 34 -7.69 -2.27 13.66
C GLN A 34 -7.06 -3.64 13.41
N GLY A 35 -7.79 -4.56 12.76
CA GLY A 35 -7.37 -5.95 12.50
C GLY A 35 -7.80 -6.88 13.61
N HIS A 37 -10.95 -5.75 15.45
CA HIS A 37 -11.92 -5.82 14.32
C HIS A 37 -11.80 -4.55 13.46
N TRP A 38 -11.83 -4.69 12.13
CA TRP A 38 -12.00 -3.53 11.21
C TRP A 38 -13.44 -3.50 10.67
N LYS A 39 -14.12 -4.65 10.62
CA LYS A 39 -15.47 -4.79 10.02
C LYS A 39 -16.56 -4.37 11.01
N GLN A 40 -16.30 -4.51 12.31
CA GLN A 40 -17.30 -4.34 13.40
C GLN A 40 -17.06 -2.99 14.11
N LYS A 41 -15.87 -2.40 13.94
CA LYS A 41 -15.58 -0.98 14.28
C LYS A 41 -15.84 -0.11 13.06
N ARG A 42 -16.43 -0.69 12.01
CA ARG A 42 -16.69 -0.02 10.72
C ARG A 42 -17.86 0.94 10.88
N LYS A 43 -17.73 2.16 10.34
CA LYS A 43 -18.79 3.19 10.33
C LYS A 43 -18.97 3.68 8.89
N PHE A 44 -20.19 3.56 8.37
CA PHE A 44 -20.56 3.92 6.97
C PHE A 44 -20.78 5.43 6.92
N LEU A 45 -20.48 6.06 5.79
CA LEU A 45 -20.55 7.52 5.58
C LEU A 45 -21.80 7.85 4.76
N PRO A 46 -22.70 8.76 5.23
CA PRO A 46 -23.86 9.15 4.43
C PRO A 46 -23.66 10.45 3.63
N ASP A 64 -17.22 20.25 -4.85
CA ASP A 64 -16.77 18.89 -4.44
C ASP A 64 -15.44 19.00 -3.68
N LEU A 65 -15.27 20.08 -2.90
CA LEU A 65 -14.09 20.33 -2.02
C LEU A 65 -14.49 20.15 -0.56
N GLU A 66 -15.61 19.44 -0.34
CA GLU A 66 -16.26 19.36 1.00
C GLU A 66 -16.41 17.90 1.43
N ALA A 67 -16.57 16.97 0.49
CA ALA A 67 -16.26 15.54 0.70
C ALA A 67 -14.74 15.40 0.70
N PHE A 68 -14.08 16.33 0.00
CA PHE A 68 -12.65 16.29 -0.41
C PHE A 68 -11.75 16.80 0.74
N SER A 69 -12.29 17.65 1.61
CA SER A 69 -11.73 17.93 2.95
C SER A 69 -11.76 16.64 3.77
N HIS A 70 -12.96 16.12 4.03
CA HIS A 70 -13.20 15.02 5.01
C HIS A 70 -12.55 13.71 4.56
N PHE A 71 -11.96 13.65 3.36
CA PHE A 71 -11.05 12.54 2.96
C PHE A 71 -9.60 12.95 3.20
N THR A 72 -9.10 13.93 2.46
CA THR A 72 -7.69 14.39 2.60
C THR A 72 -7.37 14.49 4.09
N LYS A 73 -8.35 14.89 4.90
CA LYS A 73 -8.17 14.96 6.37
C LYS A 73 -7.76 13.57 6.91
N ILE A 74 -8.39 12.49 6.47
CA ILE A 74 -8.17 11.13 7.05
C ILE A 74 -6.95 10.45 6.45
N ILE A 75 -6.23 11.08 5.51
CA ILE A 75 -5.05 10.41 4.89
C ILE A 75 -3.88 10.36 5.87
N THR A 76 -3.59 11.44 6.60
CA THR A 76 -2.32 11.61 7.35
C THR A 76 -2.02 10.37 8.19
N PRO A 77 -2.99 9.79 8.94
CA PRO A 77 -2.69 8.58 9.71
C PRO A 77 -2.35 7.36 8.83
N ALA A 78 -2.96 7.26 7.64
CA ALA A 78 -2.76 6.14 6.70
C ALA A 78 -1.34 6.21 6.11
N ILE A 79 -0.89 7.40 5.71
CA ILE A 79 0.50 7.63 5.23
C ILE A 79 1.45 7.25 6.36
N THR A 80 1.17 7.68 7.58
CA THR A 80 2.04 7.42 8.76
C THR A 80 2.17 5.91 8.98
N ARG A 81 1.07 5.15 8.86
CA ARG A 81 1.09 3.69 9.06
C ARG A 81 2.02 3.04 8.05
N VAL A 82 2.10 3.59 6.83
CA VAL A 82 2.98 3.02 5.76
C VAL A 82 4.43 3.27 6.16
N VAL A 83 4.74 4.51 6.54
CA VAL A 83 6.10 4.90 7.05
C VAL A 83 6.48 3.91 8.14
N ASP A 84 5.52 3.56 9.02
CA ASP A 84 5.75 2.65 10.17
C ASP A 84 6.11 1.25 9.67
N PHE A 85 5.37 0.74 8.67
CA PHE A 85 5.67 -0.58 8.05
C PHE A 85 7.12 -0.56 7.56
N ALA A 86 7.47 0.41 6.72
CA ALA A 86 8.82 0.52 6.11
C ALA A 86 9.89 0.57 7.22
N LYS A 87 9.64 1.29 8.32
CA LYS A 87 10.67 1.48 9.37
C LYS A 87 10.89 0.20 10.18
N LYS A 88 9.95 -0.74 10.13
CA LYS A 88 10.06 -2.03 10.87
C LYS A 88 10.79 -3.06 10.00
N LEU A 89 11.12 -2.70 8.76
CA LEU A 89 11.84 -3.58 7.80
C LEU A 89 13.33 -3.24 7.86
N PRO A 90 14.17 -4.10 8.48
CA PRO A 90 15.59 -3.79 8.66
C PRO A 90 16.33 -3.47 7.36
N MET A 91 15.88 -4.06 6.24
CA MET A 91 16.45 -3.77 4.89
C MET A 91 16.19 -2.31 4.51
N PHE A 92 14.97 -1.82 4.76
CA PHE A 92 14.59 -0.41 4.50
C PHE A 92 15.49 0.54 5.30
N CYS A 93 15.81 0.16 6.54
CA CYS A 93 16.50 1.06 7.50
C CYS A 93 18.00 1.14 7.18
N GLU A 94 18.51 0.20 6.38
CA GLU A 94 19.94 0.19 5.96
C GLU A 94 20.17 1.20 4.83
N LEU A 95 19.11 1.63 4.14
CA LEU A 95 19.17 2.62 3.04
C LEU A 95 19.40 4.01 3.61
N PRO A 96 20.03 4.93 2.85
CA PRO A 96 20.08 6.34 3.22
C PRO A 96 18.69 6.96 3.18
N CYS A 97 18.43 8.02 3.95
CA CYS A 97 17.06 8.58 4.10
C CYS A 97 16.62 9.27 2.80
N GLU A 98 17.56 9.71 1.95
CA GLU A 98 17.21 10.27 0.61
C GLU A 98 16.47 9.18 -0.18
N ASP A 99 16.96 7.95 -0.09
CA ASP A 99 16.38 6.77 -0.81
C ASP A 99 15.09 6.36 -0.10
N GLN A 100 15.06 6.39 1.23
CA GLN A 100 13.87 6.04 2.04
C GLN A 100 12.71 6.98 1.67
N ILE A 101 12.95 8.28 1.71
CA ILE A 101 11.95 9.31 1.27
C ILE A 101 11.47 8.91 -0.12
N ILE A 102 12.39 8.69 -1.06
CA ILE A 102 12.01 8.36 -2.47
C ILE A 102 11.14 7.10 -2.48
N LEU A 103 11.57 6.02 -1.80
CA LEU A 103 10.82 4.74 -1.82
C LEU A 103 9.41 4.97 -1.26
N LEU A 104 9.29 5.67 -0.13
CA LEU A 104 7.99 5.87 0.55
C LEU A 104 7.09 6.76 -0.30
N LYS A 105 7.67 7.72 -1.01
CA LYS A 105 6.90 8.64 -1.88
C LYS A 105 6.30 7.85 -3.04
N GLY A 106 6.93 6.74 -3.44
CA GLY A 106 6.49 5.96 -4.60
C GLY A 106 5.53 4.84 -4.27
N CYS A 107 5.40 4.43 -3.00
CA CYS A 107 4.63 3.21 -2.62
C CYS A 107 3.52 3.49 -1.61
N CYS A 108 3.31 4.72 -1.15
CA CYS A 108 2.20 5.02 -0.20
C CYS A 108 0.86 4.65 -0.84
N MET A 109 0.51 5.31 -1.93
CA MET A 109 -0.83 5.15 -2.55
C MET A 109 -1.04 3.68 -2.93
N GLU A 110 0.01 3.01 -3.40
CA GLU A 110 -0.04 1.57 -3.74
C GLU A 110 -0.46 0.81 -2.47
N ILE A 111 0.33 0.91 -1.42
CA ILE A 111 0.10 0.16 -0.14
C ILE A 111 -1.28 0.52 0.42
N MET A 112 -1.60 1.81 0.54
CA MET A 112 -2.91 2.27 1.04
C MET A 112 -4.06 1.74 0.17
N SER A 113 -3.83 1.63 -1.15
CA SER A 113 -4.83 1.12 -2.11
C SER A 113 -5.02 -0.38 -1.90
N LEU A 114 -3.92 -1.13 -1.79
CA LEU A 114 -3.97 -2.58 -1.50
C LEU A 114 -4.67 -2.80 -0.16
N ARG A 115 -4.27 -2.03 0.85
CA ARG A 115 -4.83 -2.14 2.23
C ARG A 115 -6.34 -1.87 2.22
N ALA A 116 -6.84 -0.98 1.36
CA ALA A 116 -8.29 -0.76 1.22
C ALA A 116 -8.93 -1.86 0.36
N ALA A 117 -8.25 -2.33 -0.70
CA ALA A 117 -8.84 -3.29 -1.67
C ALA A 117 -9.01 -4.66 -1.02
N VAL A 118 -8.09 -5.05 -0.14
CA VAL A 118 -8.20 -6.32 0.64
C VAL A 118 -9.37 -6.21 1.64
N ARG A 119 -9.89 -5.00 1.89
CA ARG A 119 -11.01 -4.78 2.84
C ARG A 119 -12.31 -4.46 2.09
N TYR A 120 -12.44 -4.98 0.87
CA TYR A 120 -13.70 -4.90 0.10
C TYR A 120 -14.70 -5.88 0.72
N ASP A 121 -15.91 -5.39 1.03
CA ASP A 121 -17.06 -6.21 1.47
C ASP A 121 -17.96 -6.42 0.26
N PRO A 122 -18.05 -7.65 -0.30
CA PRO A 122 -18.85 -7.89 -1.49
C PRO A 122 -20.33 -7.50 -1.33
N GLU A 123 -20.86 -7.55 -0.10
CA GLU A 123 -22.32 -7.40 0.16
C GLU A 123 -22.69 -5.92 0.29
N SER A 124 -21.96 -5.13 1.09
CA SER A 124 -22.16 -3.66 1.21
C SER A 124 -21.54 -2.95 -0.01
N GLU A 125 -20.64 -3.63 -0.72
CA GLU A 125 -19.86 -3.06 -1.86
C GLU A 125 -19.16 -1.79 -1.37
N THR A 126 -18.37 -1.94 -0.31
CA THR A 126 -17.60 -0.84 0.31
C THR A 126 -16.14 -1.29 0.45
N LEU A 127 -15.25 -0.30 0.50
CA LEU A 127 -13.87 -0.46 1.01
C LEU A 127 -13.79 0.21 2.38
N THR A 128 -12.85 -0.24 3.21
CA THR A 128 -12.66 0.29 4.57
C THR A 128 -11.31 1.01 4.62
N LEU A 129 -11.37 2.29 5.01
CA LEU A 129 -10.19 3.15 5.22
C LEU A 129 -9.95 3.29 6.72
N ASN A 130 -8.68 3.24 7.16
CA ASN A 130 -8.30 3.41 8.58
C ASN A 130 -9.03 2.39 9.45
N GLY A 131 -9.38 1.22 8.88
CA GLY A 131 -10.12 0.15 9.57
C GLY A 131 -11.38 0.64 10.28
N GLU A 132 -11.94 1.78 9.88
CA GLU A 132 -13.07 2.42 10.63
C GLU A 132 -14.15 2.95 9.67
N MET A 133 -13.76 3.57 8.55
CA MET A 133 -14.73 4.24 7.64
C MET A 133 -14.96 3.38 6.39
N ALA A 134 -16.18 2.86 6.24
CA ALA A 134 -16.65 2.18 5.00
C ALA A 134 -17.01 3.25 3.98
N VAL A 135 -16.45 3.15 2.77
CA VAL A 135 -16.79 4.08 1.67
C VAL A 135 -17.27 3.27 0.47
N THR A 136 -18.17 3.87 -0.30
CA THR A 136 -18.73 3.30 -1.54
C THR A 136 -17.90 3.83 -2.70
N ARG A 137 -17.99 3.18 -3.85
CA ARG A 137 -17.33 3.59 -5.10
C ARG A 137 -17.55 5.09 -5.34
N GLY A 138 -18.80 5.54 -5.18
CA GLY A 138 -19.21 6.93 -5.42
C GLY A 138 -18.53 7.89 -4.46
N GLN A 139 -18.54 7.57 -3.17
CA GLN A 139 -17.96 8.44 -2.11
C GLN A 139 -16.52 8.78 -2.47
N LEU A 140 -15.70 7.80 -2.89
CA LEU A 140 -14.25 8.02 -3.20
C LEU A 140 -14.11 8.86 -4.46
N LYS A 141 -14.83 8.52 -5.54
CA LYS A 141 -14.81 9.29 -6.81
C LYS A 141 -15.25 10.73 -6.50
N ASN A 142 -16.18 10.90 -5.56
CA ASN A 142 -16.70 12.21 -5.11
C ASN A 142 -15.64 12.94 -4.25
N GLY A 143 -14.78 12.19 -3.56
CA GLY A 143 -13.73 12.75 -2.69
C GLY A 143 -12.43 13.02 -3.42
N GLY A 144 -12.40 12.90 -4.75
CA GLY A 144 -11.28 13.39 -5.58
C GLY A 144 -10.46 12.29 -6.21
N LEU A 145 -10.66 11.03 -5.81
CA LEU A 145 -9.90 9.88 -6.37
C LEU A 145 -10.18 9.78 -7.88
N GLY A 146 -11.36 10.18 -8.33
CA GLY A 146 -11.70 10.12 -9.77
C GLY A 146 -11.70 8.68 -10.25
N VAL A 147 -11.14 8.42 -11.43
CA VAL A 147 -11.16 7.06 -12.03
C VAL A 147 -10.43 6.07 -11.09
N VAL A 148 -9.45 6.53 -10.30
CA VAL A 148 -8.57 5.63 -9.49
C VAL A 148 -9.43 4.84 -8.50
N SER A 149 -10.55 5.42 -8.03
CA SER A 149 -11.46 4.74 -7.09
C SER A 149 -12.10 3.54 -7.78
N ASP A 150 -12.42 3.68 -9.07
CA ASP A 150 -12.93 2.55 -9.90
C ASP A 150 -11.86 1.45 -9.93
N ALA A 151 -10.59 1.83 -10.15
CA ALA A 151 -9.44 0.89 -10.17
C ALA A 151 -9.31 0.17 -8.82
N ILE A 152 -9.39 0.90 -7.70
CA ILE A 152 -9.20 0.28 -6.35
C ILE A 152 -10.35 -0.68 -6.08
N PHE A 153 -11.60 -0.31 -6.37
CA PHE A 153 -12.76 -1.19 -6.11
C PHE A 153 -12.62 -2.45 -6.98
N ASP A 154 -12.44 -2.26 -8.28
CA ASP A 154 -12.23 -3.36 -9.25
C ASP A 154 -11.15 -4.32 -8.73
N LEU A 155 -10.05 -3.79 -8.20
CA LEU A 155 -8.96 -4.64 -7.65
C LEU A 155 -9.50 -5.45 -6.47
N GLY A 156 -10.13 -4.78 -5.50
CA GLY A 156 -10.70 -5.42 -4.30
C GLY A 156 -11.64 -6.55 -4.67
N MET A 157 -12.51 -6.32 -5.66
CA MET A 157 -13.45 -7.34 -6.18
C MET A 157 -12.69 -8.57 -6.66
N SER A 158 -11.59 -8.35 -7.40
CA SER A 158 -10.78 -9.44 -8.01
C SER A 158 -9.91 -10.10 -6.95
N LEU A 159 -9.61 -9.40 -5.86
CA LEU A 159 -8.75 -9.91 -4.75
C LEU A 159 -9.56 -10.80 -3.79
N SER A 160 -10.87 -10.88 -3.97
CA SER A 160 -11.77 -11.78 -3.18
C SER A 160 -11.39 -13.24 -3.45
N SER A 161 -11.38 -13.62 -4.74
CA SER A 161 -11.10 -15.00 -5.20
C SER A 161 -9.66 -15.39 -4.89
N PHE A 162 -8.77 -14.41 -4.63
CA PHE A 162 -7.34 -14.64 -4.35
C PHE A 162 -7.15 -15.10 -2.90
N ASN A 163 -8.03 -14.67 -1.99
CA ASN A 163 -7.96 -15.03 -0.55
C ASN A 163 -6.56 -14.75 -0.02
N LEU A 164 -6.05 -13.53 -0.23
CA LEU A 164 -4.73 -13.08 0.30
C LEU A 164 -4.80 -13.08 1.82
N ASP A 165 -3.79 -13.67 2.47
CA ASP A 165 -3.65 -13.63 3.96
C ASP A 165 -2.71 -12.47 4.30
N ASP A 166 -2.43 -12.27 5.58
CA ASP A 166 -1.62 -11.12 6.07
C ASP A 166 -0.19 -11.25 5.56
N THR A 167 0.33 -12.46 5.46
CA THR A 167 1.71 -12.69 4.96
C THR A 167 1.77 -12.29 3.48
N GLU A 168 0.80 -12.73 2.68
CA GLU A 168 0.76 -12.40 1.23
C GLU A 168 0.61 -10.88 1.04
N VAL A 169 -0.21 -10.21 1.85
CA VAL A 169 -0.43 -8.75 1.73
C VAL A 169 0.88 -8.04 2.09
N ALA A 170 1.52 -8.45 3.19
CA ALA A 170 2.75 -7.84 3.72
C ALA A 170 3.85 -7.92 2.66
N LEU A 171 3.94 -9.06 1.96
CA LEU A 171 5.00 -9.32 0.95
C LEU A 171 4.75 -8.51 -0.31
N LEU A 172 3.49 -8.41 -0.76
CA LEU A 172 3.09 -7.48 -1.85
C LEU A 172 3.56 -6.07 -1.49
N GLN A 173 3.31 -5.65 -0.24
CA GLN A 173 3.69 -4.31 0.28
C GLN A 173 5.21 -4.12 0.20
N ALA A 174 6.00 -5.12 0.60
CA ALA A 174 7.48 -5.05 0.61
C ALA A 174 8.01 -5.00 -0.82
N VAL A 175 7.38 -5.74 -1.73
CA VAL A 175 7.72 -5.75 -3.18
C VAL A 175 7.49 -4.36 -3.78
N LEU A 176 6.41 -3.67 -3.43
CA LEU A 176 6.11 -2.31 -3.98
C LEU A 176 7.08 -1.29 -3.36
N LEU A 177 7.36 -1.42 -2.07
CA LEU A 177 8.29 -0.52 -1.34
C LEU A 177 9.68 -0.58 -2.00
N MET A 178 10.19 -1.78 -2.26
CA MET A 178 11.56 -1.98 -2.82
C MET A 178 11.51 -1.96 -4.35
N SER A 179 10.99 -0.88 -4.92
CA SER A 179 10.97 -0.58 -6.37
C SER A 179 12.26 0.15 -6.72
N SER A 180 13.17 -0.48 -7.44
CA SER A 180 14.44 0.13 -7.89
C SER A 180 14.19 1.17 -8.99
N ASP A 181 13.03 1.09 -9.67
CA ASP A 181 12.67 1.93 -10.85
C ASP A 181 12.39 3.38 -10.43
N ARG A 182 12.17 3.65 -9.13
CA ARG A 182 11.79 5.00 -8.61
C ARG A 182 12.88 6.01 -8.95
N PRO A 183 12.55 7.24 -9.42
CA PRO A 183 13.56 8.20 -9.85
C PRO A 183 14.31 8.88 -8.69
N GLY A 184 15.61 9.13 -8.90
CA GLY A 184 16.49 9.86 -7.97
C GLY A 184 17.19 8.95 -6.97
N LEU A 185 16.91 7.64 -6.97
CA LEU A 185 17.48 6.70 -5.98
C LEU A 185 18.99 6.62 -6.20
N ALA A 186 19.75 6.36 -5.13
CA ALA A 186 21.21 6.13 -5.17
C ALA A 186 21.49 4.63 -5.19
N CYS A 187 20.98 3.89 -4.20
CA CYS A 187 21.31 2.46 -3.93
C CYS A 187 20.39 1.55 -4.75
N VAL A 188 20.37 1.73 -6.07
CA VAL A 188 19.40 1.07 -6.98
C VAL A 188 19.57 -0.45 -6.91
N GLU A 189 20.81 -0.93 -7.00
CA GLU A 189 21.10 -2.39 -7.02
C GLU A 189 20.89 -2.99 -5.64
N ARG A 190 21.17 -2.24 -4.58
CA ARG A 190 20.94 -2.76 -3.20
C ARG A 190 19.43 -2.99 -3.02
N ILE A 191 18.62 -2.03 -3.49
CA ILE A 191 17.13 -2.08 -3.41
C ILE A 191 16.63 -3.26 -4.23
N GLU A 192 17.10 -3.38 -5.47
CA GLU A 192 16.70 -4.49 -6.37
C GLU A 192 17.02 -5.86 -5.72
N LYS A 193 18.10 -5.95 -4.95
CA LYS A 193 18.47 -7.21 -4.26
C LYS A 193 17.44 -7.50 -3.17
N TYR A 194 17.11 -6.50 -2.36
CA TYR A 194 16.06 -6.61 -1.30
C TYR A 194 14.76 -7.08 -1.95
N GLN A 195 14.38 -6.48 -3.08
CA GLN A 195 13.11 -6.81 -3.76
C GLN A 195 13.15 -8.26 -4.25
N ASP A 196 14.30 -8.75 -4.71
CA ASP A 196 14.43 -10.13 -5.24
C ASP A 196 14.32 -11.14 -4.09
N SER A 197 14.76 -10.76 -2.89
CA SER A 197 14.62 -11.59 -1.66
C SER A 197 13.13 -11.80 -1.33
N PHE A 198 12.34 -10.72 -1.39
CA PHE A 198 10.89 -10.75 -1.09
C PHE A 198 10.16 -11.58 -2.15
N LEU A 199 10.51 -11.39 -3.42
CA LEU A 199 9.82 -12.06 -4.56
C LEU A 199 9.98 -13.58 -4.49
N LEU A 200 11.14 -14.10 -4.09
CA LEU A 200 11.33 -15.57 -3.89
C LEU A 200 10.53 -16.05 -2.68
N ALA A 201 10.76 -15.43 -1.52
CA ALA A 201 10.05 -15.76 -0.26
C ALA A 201 8.56 -15.80 -0.55
N PHE A 202 8.06 -14.81 -1.31
CA PHE A 202 6.62 -14.66 -1.60
C PHE A 202 6.17 -15.79 -2.54
N GLU A 203 6.92 -16.03 -3.63
CA GLU A 203 6.60 -17.14 -4.57
C GLU A 203 6.67 -18.47 -3.80
N HIS A 204 7.74 -18.70 -3.04
CA HIS A 204 7.94 -19.95 -2.27
C HIS A 204 6.81 -20.15 -1.25
N TYR A 205 6.38 -19.08 -0.57
CA TYR A 205 5.17 -19.07 0.29
C TYR A 205 3.95 -19.44 -0.55
N ILE A 206 3.79 -18.84 -1.73
CA ILE A 206 2.65 -19.10 -2.66
C ILE A 206 2.61 -20.59 -2.99
N ASN A 207 3.76 -21.15 -3.34
CA ASN A 207 3.90 -22.59 -3.70
C ASN A 207 3.41 -23.44 -2.51
N TYR A 208 3.67 -22.98 -1.29
CA TYR A 208 3.37 -23.70 -0.04
C TYR A 208 1.89 -23.55 0.34
N ARG A 209 1.33 -22.35 0.22
CA ARG A 209 -0.08 -22.04 0.57
C ARG A 209 -1.03 -22.82 -0.36
N LYS A 210 -0.55 -23.26 -1.52
CA LYS A 210 -1.33 -24.11 -2.46
C LYS A 210 -2.73 -23.53 -2.64
N HIS A 211 -2.80 -22.27 -3.06
CA HIS A 211 -4.08 -21.61 -3.46
C HIS A 211 -4.75 -22.42 -4.58
N HIS A 212 -6.08 -22.53 -4.52
CA HIS A 212 -6.90 -23.20 -5.56
C HIS A 212 -7.32 -22.16 -6.60
N VAL A 213 -6.31 -21.49 -7.16
CA VAL A 213 -6.42 -20.65 -8.39
C VAL A 213 -5.29 -21.11 -9.31
N THR A 214 -5.54 -21.16 -10.61
CA THR A 214 -4.55 -21.57 -11.62
C THR A 214 -3.61 -20.41 -11.90
N HIS A 215 -2.31 -20.70 -11.99
CA HIS A 215 -1.25 -19.70 -12.28
C HIS A 215 -1.33 -18.56 -11.27
N PHE A 216 -1.42 -18.90 -9.98
CA PHE A 216 -1.67 -17.90 -8.91
C PHE A 216 -0.55 -16.86 -8.95
N TRP A 217 0.70 -17.30 -9.16
CA TRP A 217 1.87 -16.40 -9.15
C TRP A 217 1.77 -15.40 -10.30
N PRO A 218 1.68 -15.87 -11.56
CA PRO A 218 1.49 -14.95 -12.69
C PRO A 218 0.40 -13.89 -12.49
N LYS A 219 -0.71 -14.27 -11.84
CA LYS A 219 -1.90 -13.39 -11.66
C LYS A 219 -1.63 -12.38 -10.55
N LEU A 220 -1.02 -12.81 -9.45
CA LEU A 220 -0.53 -11.89 -8.39
C LEU A 220 0.45 -10.90 -9.00
N LEU A 221 1.33 -11.34 -9.89
CA LEU A 221 2.35 -10.42 -10.46
C LEU A 221 1.62 -9.35 -11.28
N MET A 222 0.52 -9.71 -11.94
CA MET A 222 -0.32 -8.75 -12.70
C MET A 222 -0.97 -7.75 -11.75
N LYS A 223 -1.32 -8.21 -10.54
CA LYS A 223 -1.96 -7.35 -9.51
C LYS A 223 -0.93 -6.31 -9.06
N VAL A 224 0.31 -6.73 -8.80
CA VAL A 224 1.40 -5.77 -8.48
C VAL A 224 1.36 -4.66 -9.53
N THR A 225 1.25 -5.01 -10.81
CA THR A 225 1.25 -4.02 -11.92
C THR A 225 -0.01 -3.14 -11.79
N ASP A 226 -1.18 -3.71 -11.47
CA ASP A 226 -2.44 -2.93 -11.26
C ASP A 226 -2.18 -1.87 -10.19
N LEU A 227 -1.51 -2.25 -9.11
CA LEU A 227 -1.22 -1.35 -7.97
C LEU A 227 -0.23 -0.26 -8.42
N ARG A 228 0.82 -0.67 -9.13
CA ARG A 228 1.84 0.27 -9.67
C ARG A 228 1.15 1.32 -10.55
N MET A 229 0.15 0.93 -11.34
CA MET A 229 -0.63 1.85 -12.20
C MET A 229 -1.47 2.80 -11.34
N ILE A 230 -1.98 2.33 -10.20
CA ILE A 230 -2.78 3.15 -9.26
C ILE A 230 -1.90 4.24 -8.64
N GLY A 231 -0.65 3.90 -8.27
CA GLY A 231 0.31 4.83 -7.66
C GLY A 231 0.71 5.95 -8.59
N ALA A 232 0.75 5.69 -9.90
CA ALA A 232 1.15 6.65 -10.97
C ALA A 232 -0.02 7.56 -11.37
N CYS A 233 -1.23 7.04 -11.49
CA CYS A 233 -2.44 7.79 -11.91
C CYS A 233 -2.80 8.82 -10.83
N HIS A 234 -2.86 8.38 -9.57
CA HIS A 234 -3.07 9.24 -8.37
C HIS A 234 -2.04 10.37 -8.35
N ALA A 235 -0.76 10.03 -8.55
CA ALA A 235 0.38 10.99 -8.54
C ALA A 235 0.36 11.84 -9.81
N SER A 236 -0.66 11.72 -10.66
CA SER A 236 -0.80 12.54 -11.89
C SER A 236 -2.02 13.45 -11.74
N ARG A 237 -2.97 13.06 -10.90
CA ARG A 237 -4.16 13.87 -10.54
C ARG A 237 -3.74 14.93 -9.52
N PHE A 238 -2.59 14.73 -8.85
CA PHE A 238 -2.01 15.73 -7.91
C PHE A 238 -1.63 16.98 -8.68
N LEU A 239 -0.79 16.79 -9.70
CA LEU A 239 -0.21 17.85 -10.55
C LEU A 239 -1.38 18.64 -11.15
N HIS A 240 -2.56 17.99 -11.21
CA HIS A 240 -3.81 18.54 -11.78
C HIS A 240 -4.41 19.60 -10.83
N MET A 241 -4.54 19.29 -9.54
CA MET A 241 -5.19 20.18 -8.53
C MET A 241 -4.15 21.15 -7.97
N LYS A 242 -3.91 22.27 -8.65
CA LYS A 242 -2.95 23.33 -8.25
C LYS A 242 -3.39 24.70 -8.79
N CYS A 245 -6.73 25.54 -6.96
CA CYS A 245 -7.01 24.82 -5.69
C CYS A 245 -5.78 24.92 -4.77
N PRO A 246 -5.81 25.81 -3.75
CA PRO A 246 -4.61 26.14 -2.98
C PRO A 246 -4.04 24.93 -2.24
N THR A 247 -2.72 24.80 -2.21
CA THR A 247 -2.02 23.60 -1.68
C THR A 247 -2.23 23.50 -0.16
N GLU A 248 -2.47 24.61 0.54
CA GLU A 248 -2.59 24.61 2.03
C GLU A 248 -3.94 24.02 2.46
N LEU A 249 -4.94 23.87 1.57
CA LEU A 249 -6.19 23.12 1.88
C LEU A 249 -5.86 21.64 2.02
N PHE A 250 -4.70 21.20 1.54
CA PHE A 250 -4.26 19.79 1.59
C PHE A 250 -3.31 19.53 2.76
N PRO A 251 -3.48 18.37 3.42
CA PRO A 251 -2.69 18.00 4.58
C PRO A 251 -1.21 18.00 4.23
N PRO A 252 -0.32 18.40 5.17
CA PRO A 252 1.11 18.46 4.91
C PRO A 252 1.74 17.15 4.40
N LEU A 253 1.50 16.01 5.05
CA LEU A 253 2.11 14.71 4.63
C LEU A 253 1.64 14.39 3.21
N PHE A 254 0.34 14.53 2.95
CA PHE A 254 -0.27 14.28 1.63
C PHE A 254 0.51 15.02 0.54
N LEU A 255 1.01 16.22 0.81
CA LEU A 255 1.72 17.04 -0.21
C LEU A 255 3.16 16.55 -0.39
N GLU A 256 3.79 16.06 0.67
CA GLU A 256 5.19 15.56 0.58
C GLU A 256 5.23 14.23 -0.18
N VAL A 257 4.13 13.47 -0.23
CA VAL A 257 4.11 12.14 -0.91
C VAL A 257 3.53 12.30 -2.33
N PHE A 258 2.66 13.29 -2.56
CA PHE A 258 1.90 13.48 -3.84
C PHE A 258 0.88 12.35 -3.98
N GLU B 1 12.02 20.95 2.43
CA GLU B 1 11.79 19.93 1.37
C GLU B 1 11.68 18.54 2.02
N ASN B 2 10.46 18.02 2.11
CA ASN B 2 10.14 16.67 2.64
C ASN B 2 10.54 16.60 4.12
N ALA B 3 10.25 17.64 4.88
CA ALA B 3 10.84 17.86 6.23
C ALA B 3 10.08 17.06 7.30
N LEU B 4 8.76 16.94 7.17
CA LEU B 4 7.94 16.10 8.08
C LEU B 4 8.25 14.63 7.77
N LEU B 5 8.27 14.29 6.48
CA LEU B 5 8.52 12.90 6.02
C LEU B 5 9.91 12.48 6.52
N ARG B 6 10.85 13.42 6.52
CA ARG B 6 12.24 13.20 7.02
C ARG B 6 12.21 13.06 8.54
N TYR B 7 11.46 13.92 9.23
CA TYR B 7 11.35 13.89 10.71
C TYR B 7 10.83 12.52 11.15
N LEU B 8 9.82 11.98 10.46
CA LEU B 8 9.21 10.67 10.79
C LEU B 8 10.16 9.52 10.42
N LEU B 9 10.95 9.68 9.35
CA LEU B 9 11.90 8.63 8.88
C LEU B 9 12.96 8.42 9.96
N ASP B 10 13.71 9.46 10.31
CA ASP B 10 14.49 9.50 11.58
C ASP B 10 13.44 9.48 12.69
N LYS B 11 13.78 8.98 13.88
CA LYS B 11 12.75 8.66 14.90
C LYS B 11 12.08 9.97 15.37
N1 9IL C . -6.61 4.34 1.40
C2 9IL C . -6.76 5.41 0.60
C4 9IL C . -7.25 7.83 0.25
C5 9IL C . -7.56 9.03 0.80
C6 9IL C . -7.73 9.20 2.18
C7 9IL C . -7.58 8.13 3.00
C8 9IL C . -7.26 6.86 2.49
C9 9IL C . -7.09 5.70 3.32
C10 9IL C . -6.75 4.44 2.73
C13 9IL C . -5.38 1.06 5.79
C14 9IL C . -7.48 10.59 -1.24
C17 9IL C . -7.04 11.47 -3.82
C19 9IL C . -6.19 10.56 -1.75
C20 9IL C . -6.09 13.25 -5.39
C21 9IL C . -4.71 13.32 -5.52
C22 9IL C . -4.09 14.55 -5.67
C23 9IL C . -4.83 15.70 -5.70
C24 9IL C . -6.20 15.64 -5.57
C26 9IL C . -5.03 10.05 -0.95
O6 9IL C . -6.60 5.29 -0.73
C3 9IL C . -7.09 6.70 1.10
C11 9IL C . -6.59 3.18 3.53
O1 9IL C . -7.30 2.21 3.30
N2 9IL C . -5.56 3.14 4.38
C12 9IL C . -4.85 1.90 4.64
O2 9IL C . -4.60 0.85 6.75
O3 9IL C . -6.56 0.65 5.70
O4 9IL C . -7.25 5.82 4.65
O5 9IL C . -7.74 10.23 0.08
C15 9IL C . -8.55 11.09 -1.98
C16 9IL C . -8.32 11.52 -3.27
C18 9IL C . -5.99 11.00 -3.04
C25 9IL C . -6.84 14.43 -5.41
C27 9IL C . -9.94 11.12 -1.39
C28 9IL C . -6.75 11.94 -5.20
O29 9IL C . -6.99 11.22 -6.17
C1 9IL C . -6.91 4.03 -1.31
#